data_4GT6
#
_entry.id   4GT6
#
_cell.length_a   119.538
_cell.length_b   119.538
_cell.length_c   77.568
_cell.angle_alpha   90.000
_cell.angle_beta   90.000
_cell.angle_gamma   120.000
#
_symmetry.space_group_name_H-M   'P 65'
#
loop_
_entity.id
_entity.type
_entity.pdbx_description
1 polymer 'Cell surface protein'
2 non-polymer 1,2-ETHANEDIOL
3 non-polymer 'SODIUM ION'
4 water water
#
_entity_poly.entity_id   1
_entity_poly.type   'polypeptide(L)'
_entity_poly.pdbx_seq_one_letter_code
;GASDSP(MSE)AYTDGSYQFILNADNTATITKYTGNEHRITIPAQVTHGAYIYPVSKIGDRVFCNYKYVLTSVQIPDTVT
EIGSNAFYNCTSLKRVTIQDNKPSCVKKIGRQAF(MSE)FCSELTDIPILDSVTEIDSEAFHHCEELDTVTIPEGVTSVA
DG(MSE)FSYCYSLHTVTLPDSVTAIEERAFTGTALTQIHIPAKVTRIGTNAFSECFALSTITSDSESYPAIDNVLYEKS
ANGDYALIRYPSQREDPAFKIPNGVARIETHAFDSCAYLASVK(MSE)PDSVVSIGTGAF(MSE)NCPALQDIEFSSRIT
ELPESVFAGCISLKSIDIPEGITQILDDAFAGCEQLERIAIPSSVTKIPESAFSNCTALNNIEYSGSRSQWNAISTDSGL
QNLPVAPGSIDVTV
;
_entity_poly.pdbx_strand_id   A
#
loop_
_chem_comp.id
_chem_comp.type
_chem_comp.name
_chem_comp.formula
EDO non-polymer 1,2-ETHANEDIOL 'C2 H6 O2'
NA non-polymer 'SODIUM ION' 'Na 1'
#
# COMPACT_ATOMS: atom_id res chain seq x y z
N ALA A 2 -24.43 8.66 21.65
CA ALA A 2 -25.13 9.84 21.16
C ALA A 2 -25.35 9.79 19.64
N SER A 3 -26.60 10.08 19.21
CA SER A 3 -27.00 10.08 17.79
C SER A 3 -26.74 11.46 17.15
N ASP A 4 -26.35 12.46 17.99
CA ASP A 4 -26.02 13.84 17.61
C ASP A 4 -24.69 14.28 18.22
N SER A 5 -24.00 15.22 17.55
CA SER A 5 -22.73 15.81 17.98
C SER A 5 -23.02 16.93 19.02
N PRO A 6 -22.01 17.40 19.84
CA PRO A 6 -22.30 18.44 20.86
C PRO A 6 -22.74 19.82 20.33
N MSE A 7 -23.19 20.72 21.23
N MSE A 7 -23.15 20.72 21.25
CA MSE A 7 -23.65 22.08 20.93
CA MSE A 7 -23.60 22.09 20.98
C MSE A 7 -22.49 22.91 20.37
C MSE A 7 -22.47 22.94 20.38
O MSE A 7 -21.45 23.08 21.03
O MSE A 7 -21.42 23.10 21.02
CB MSE A 7 -24.26 22.75 22.19
CB MSE A 7 -24.13 22.72 22.28
CG MSE A 7 -24.54 24.26 22.04
CG MSE A 7 -24.75 24.10 22.08
SE MSE A 7 -25.99 24.72 20.79
SE MSE A 7 -25.66 24.74 23.68
CE MSE A 7 -25.78 26.67 20.78
CE MSE A 7 -26.43 26.37 22.94
N ALA A 8 -22.68 23.45 19.15
CA ALA A 8 -21.71 24.26 18.43
C ALA A 8 -22.04 25.74 18.44
N TYR A 9 -21.00 26.57 18.52
CA TYR A 9 -21.06 28.03 18.53
C TYR A 9 -20.39 28.57 17.30
N THR A 10 -20.58 29.87 16.99
CA THR A 10 -20.03 30.52 15.81
C THR A 10 -19.10 31.66 16.15
N ASP A 11 -17.97 31.74 15.41
CA ASP A 11 -17.06 32.86 15.46
C ASP A 11 -16.58 33.10 14.01
N GLY A 12 -17.18 34.11 13.36
CA GLY A 12 -16.93 34.40 11.96
C GLY A 12 -17.40 33.26 11.08
N SER A 13 -16.50 32.79 10.19
CA SER A 13 -16.78 31.69 9.25
C SER A 13 -16.59 30.29 9.87
N TYR A 14 -16.30 30.19 11.18
CA TYR A 14 -16.05 28.93 11.83
C TYR A 14 -17.04 28.63 12.94
N GLN A 15 -17.47 27.39 13.01
CA GLN A 15 -18.25 26.89 14.13
C GLN A 15 -17.34 26.00 14.94
N PHE A 16 -17.63 25.88 16.23
CA PHE A 16 -16.78 25.13 17.13
C PHE A 16 -17.55 24.63 18.33
N ILE A 17 -16.97 23.64 18.98
CA ILE A 17 -17.48 23.07 20.24
C ILE A 17 -16.39 23.33 21.31
N LEU A 18 -16.78 23.26 22.59
CA LEU A 18 -15.88 23.48 23.70
C LEU A 18 -15.42 22.16 24.28
N ASN A 19 -14.09 22.05 24.50
CA ASN A 19 -13.45 20.86 25.04
C ASN A 19 -13.36 20.95 26.58
N ALA A 20 -13.19 19.79 27.24
CA ALA A 20 -13.08 19.67 28.71
C ALA A 20 -11.86 20.44 29.27
N ASP A 21 -10.81 20.69 28.46
CA ASP A 21 -9.60 21.39 28.93
C ASP A 21 -9.64 22.90 28.57
N ASN A 22 -10.84 23.44 28.29
CA ASN A 22 -11.03 24.86 27.96
C ASN A 22 -10.33 25.31 26.65
N THR A 23 -10.24 24.39 25.69
CA THR A 23 -9.83 24.68 24.33
C THR A 23 -11.09 24.52 23.48
N ALA A 24 -10.99 24.82 22.18
CA ALA A 24 -12.08 24.63 21.24
C ALA A 24 -11.68 23.72 20.10
N THR A 25 -12.66 23.04 19.53
CA THR A 25 -12.49 22.21 18.33
C THR A 25 -13.31 22.85 17.24
N ILE A 26 -12.69 23.16 16.08
CA ILE A 26 -13.42 23.67 14.89
C ILE A 26 -14.28 22.53 14.36
N THR A 27 -15.58 22.75 14.16
CA THR A 27 -16.45 21.66 13.68
C THR A 27 -17.06 21.93 12.30
N LYS A 28 -17.05 23.19 11.83
N LYS A 28 -17.03 23.17 11.83
CA LYS A 28 -17.61 23.56 10.53
CA LYS A 28 -17.57 23.53 10.52
C LYS A 28 -16.94 24.82 10.02
C LYS A 28 -16.93 24.81 10.02
N TYR A 29 -16.82 24.94 8.70
CA TYR A 29 -16.33 26.14 8.04
C TYR A 29 -17.40 26.55 7.05
N THR A 30 -17.89 27.80 7.13
CA THR A 30 -19.02 28.24 6.28
C THR A 30 -18.60 29.26 5.21
N GLY A 31 -17.29 29.48 5.05
CA GLY A 31 -16.80 30.41 4.04
C GLY A 31 -16.53 29.74 2.68
N ASN A 32 -15.82 30.43 1.81
CA ASN A 32 -15.50 29.91 0.48
C ASN A 32 -14.10 30.39 0.03
N GLU A 33 -13.19 30.60 0.97
CA GLU A 33 -11.82 31.02 0.65
C GLU A 33 -11.03 29.89 -0.03
N HIS A 34 -10.00 30.27 -0.80
CA HIS A 34 -9.08 29.35 -1.46
C HIS A 34 -7.75 29.29 -0.68
N ARG A 35 -7.52 30.26 0.22
CA ARG A 35 -6.38 30.29 1.16
C ARG A 35 -6.98 30.33 2.56
N ILE A 36 -6.89 29.21 3.26
CA ILE A 36 -7.53 29.05 4.57
C ILE A 36 -6.54 29.36 5.68
N THR A 37 -7.02 30.09 6.69
CA THR A 37 -6.29 30.38 7.90
C THR A 37 -7.15 29.92 9.06
N ILE A 38 -6.77 28.81 9.69
CA ILE A 38 -7.52 28.28 10.83
C ILE A 38 -7.28 29.23 12.00
N PRO A 39 -8.34 29.69 12.71
CA PRO A 39 -8.12 30.64 13.81
C PRO A 39 -7.36 29.99 14.99
N ALA A 40 -6.47 30.76 15.63
CA ALA A 40 -5.71 30.32 16.81
C ALA A 40 -6.59 30.36 18.05
N GLN A 41 -7.58 31.24 18.04
CA GLN A 41 -8.50 31.42 19.15
C GLN A 41 -9.91 31.78 18.66
N VAL A 42 -10.92 31.35 19.43
CA VAL A 42 -12.33 31.66 19.19
C VAL A 42 -12.91 32.21 20.50
N THR A 43 -13.95 33.02 20.38
CA THR A 43 -14.59 33.63 21.54
C THR A 43 -16.02 33.11 21.68
N HIS A 44 -16.40 32.82 22.94
CA HIS A 44 -17.77 32.48 23.30
C HIS A 44 -18.07 33.04 24.70
N GLY A 45 -19.08 33.90 24.77
CA GLY A 45 -19.47 34.54 26.03
C GLY A 45 -18.36 35.40 26.58
N ALA A 46 -17.97 35.13 27.84
CA ALA A 46 -16.93 35.86 28.57
C ALA A 46 -15.51 35.29 28.35
N TYR A 47 -15.38 34.19 27.56
CA TYR A 47 -14.07 33.54 27.44
C TYR A 47 -13.54 33.38 26.02
N ILE A 48 -12.22 33.35 25.94
CA ILE A 48 -11.43 33.10 24.73
C ILE A 48 -10.91 31.66 24.83
N TYR A 49 -11.04 30.90 23.75
CA TYR A 49 -10.63 29.51 23.69
C TYR A 49 -9.56 29.32 22.65
N PRO A 50 -8.36 28.81 23.00
CA PRO A 50 -7.42 28.42 21.94
C PRO A 50 -7.99 27.25 21.13
N VAL A 51 -7.73 27.21 19.81
CA VAL A 51 -8.22 26.10 18.97
C VAL A 51 -7.19 24.97 18.99
N SER A 52 -7.55 23.83 19.62
CA SER A 52 -6.63 22.69 19.77
C SER A 52 -6.87 21.60 18.73
N LYS A 53 -8.00 21.67 18.01
CA LYS A 53 -8.30 20.60 17.06
C LYS A 53 -9.10 21.07 15.87
N ILE A 54 -8.76 20.52 14.70
CA ILE A 54 -9.56 20.67 13.48
C ILE A 54 -10.47 19.45 13.50
N GLY A 55 -11.77 19.66 13.67
CA GLY A 55 -12.69 18.55 13.81
C GLY A 55 -12.79 17.65 12.59
N ASP A 56 -13.36 16.46 12.79
CA ASP A 56 -13.60 15.53 11.69
C ASP A 56 -14.35 16.22 10.55
N ARG A 57 -13.88 16.02 9.31
CA ARG A 57 -14.53 16.36 8.06
C ARG A 57 -14.77 17.85 7.81
N VAL A 58 -14.08 18.76 8.52
CA VAL A 58 -14.35 20.22 8.31
C VAL A 58 -14.21 20.62 6.83
N PHE A 59 -13.15 20.15 6.14
CA PHE A 59 -12.97 20.49 4.71
C PHE A 59 -13.13 19.25 3.81
N CYS A 60 -13.85 18.24 4.32
CA CYS A 60 -14.11 17.01 3.59
C CYS A 60 -14.95 17.32 2.34
N ASN A 61 -14.44 16.94 1.14
CA ASN A 61 -15.15 17.22 -0.13
C ASN A 61 -15.44 18.71 -0.30
N TYR A 62 -14.55 19.59 0.18
CA TYR A 62 -14.71 21.06 0.10
C TYR A 62 -15.05 21.40 -1.34
N LYS A 63 -16.19 22.05 -1.58
CA LYS A 63 -16.65 22.24 -2.96
C LYS A 63 -16.00 23.41 -3.69
N TYR A 64 -15.33 24.31 -2.98
CA TYR A 64 -14.71 25.49 -3.58
C TYR A 64 -13.23 25.24 -3.89
N VAL A 65 -12.62 26.16 -4.66
CA VAL A 65 -11.18 26.06 -4.95
C VAL A 65 -10.42 26.17 -3.63
N LEU A 66 -9.41 25.32 -3.44
CA LEU A 66 -8.60 25.37 -2.20
C LEU A 66 -7.17 25.06 -2.54
N THR A 67 -6.27 26.03 -2.29
CA THR A 67 -4.85 25.87 -2.66
CA THR A 67 -4.85 25.85 -2.63
C THR A 67 -3.93 25.73 -1.43
N SER A 68 -4.28 26.36 -0.31
CA SER A 68 -3.41 26.33 0.86
C SER A 68 -4.18 26.44 2.15
N VAL A 69 -3.60 25.86 3.21
CA VAL A 69 -4.16 25.87 4.55
C VAL A 69 -3.04 26.22 5.52
N GLN A 70 -3.32 27.17 6.41
CA GLN A 70 -2.41 27.54 7.45
C GLN A 70 -3.07 27.16 8.75
N ILE A 71 -2.31 26.45 9.62
CA ILE A 71 -2.76 25.95 10.91
CA ILE A 71 -2.86 26.06 10.91
C ILE A 71 -2.00 26.67 12.04
N PRO A 72 -2.64 27.13 13.13
CA PRO A 72 -1.87 27.72 14.22
C PRO A 72 -1.15 26.65 15.06
N ASP A 73 -0.13 27.05 15.82
CA ASP A 73 0.61 26.07 16.65
C ASP A 73 -0.22 25.66 17.91
N THR A 74 -1.45 26.19 18.06
CA THR A 74 -2.35 25.75 19.15
C THR A 74 -2.95 24.34 18.78
N VAL A 75 -2.99 23.99 17.49
CA VAL A 75 -3.62 22.75 17.03
C VAL A 75 -2.75 21.54 17.35
N THR A 76 -3.31 20.59 18.13
CA THR A 76 -2.58 19.37 18.48
C THR A 76 -3.20 18.13 17.78
N GLU A 77 -4.37 18.30 17.15
CA GLU A 77 -5.06 17.18 16.52
C GLU A 77 -5.74 17.62 15.24
N ILE A 78 -5.65 16.77 14.22
CA ILE A 78 -6.34 16.94 12.94
C ILE A 78 -7.31 15.75 12.88
N GLY A 79 -8.59 16.06 12.78
CA GLY A 79 -9.64 15.04 12.77
C GLY A 79 -9.65 14.17 11.53
N SER A 80 -10.45 13.09 11.60
CA SER A 80 -10.55 12.18 10.46
CA SER A 80 -10.60 12.16 10.48
C SER A 80 -11.19 12.90 9.26
N ASN A 81 -10.70 12.57 8.05
CA ASN A 81 -11.22 13.12 6.80
C ASN A 81 -11.27 14.67 6.80
N ALA A 82 -10.41 15.32 7.62
CA ALA A 82 -10.47 16.81 7.74
C ALA A 82 -10.24 17.52 6.40
N PHE A 83 -9.39 16.97 5.52
CA PHE A 83 -9.10 17.61 4.23
C PHE A 83 -9.28 16.57 3.13
N TYR A 84 -10.17 15.62 3.35
CA TYR A 84 -10.46 14.57 2.38
C TYR A 84 -10.91 15.18 1.05
N ASN A 85 -10.28 14.73 -0.04
N ASN A 85 -10.27 14.73 -0.05
CA ASN A 85 -10.62 15.12 -1.41
CA ASN A 85 -10.60 15.12 -1.43
C ASN A 85 -10.46 16.63 -1.69
C ASN A 85 -10.41 16.60 -1.74
N CYS A 86 -9.41 17.25 -1.10
CA CYS A 86 -9.03 18.65 -1.39
C CYS A 86 -7.91 18.51 -2.43
N THR A 87 -8.32 18.27 -3.66
CA THR A 87 -7.43 17.77 -4.73
C THR A 87 -6.52 18.82 -5.34
N SER A 88 -6.66 20.11 -4.98
CA SER A 88 -5.72 21.11 -5.48
C SER A 88 -4.91 21.72 -4.33
N LEU A 89 -5.13 21.20 -3.10
CA LEU A 89 -4.43 21.70 -1.92
C LEU A 89 -2.92 21.41 -2.08
N LYS A 90 -2.11 22.48 -2.12
CA LYS A 90 -0.65 22.37 -2.35
C LYS A 90 0.16 22.26 -1.08
N ARG A 91 -0.27 22.98 -0.03
CA ARG A 91 0.51 23.07 1.19
CA ARG A 91 0.51 23.02 1.20
C ARG A 91 -0.35 23.23 2.43
N VAL A 92 0.15 22.68 3.52
CA VAL A 92 -0.46 22.78 4.84
C VAL A 92 0.66 23.29 5.71
N THR A 93 0.64 24.57 6.11
CA THR A 93 1.75 25.15 6.87
C THR A 93 1.34 25.60 8.28
N ILE A 94 2.33 25.96 9.11
CA ILE A 94 2.06 26.45 10.45
C ILE A 94 2.13 27.96 10.42
N GLN A 95 1.15 28.62 11.04
CA GLN A 95 1.10 30.07 11.14
C GLN A 95 2.40 30.61 11.71
N ASP A 96 2.95 31.67 11.05
CA ASP A 96 4.17 32.38 11.44
C ASP A 96 5.42 31.47 11.38
N ASN A 97 5.33 30.34 10.63
CA ASN A 97 6.40 29.37 10.43
C ASN A 97 6.93 28.84 11.80
N LYS A 98 6.04 28.77 12.81
CA LYS A 98 6.41 28.22 14.12
C LYS A 98 6.46 26.68 14.03
N PRO A 99 7.17 25.97 14.94
CA PRO A 99 7.13 24.49 14.90
C PRO A 99 5.70 23.94 15.05
N SER A 100 5.38 22.88 14.30
CA SER A 100 4.08 22.20 14.41
C SER A 100 3.89 21.61 15.83
N CYS A 101 2.66 21.70 16.38
CA CYS A 101 2.32 21.06 17.66
C CYS A 101 1.31 19.94 17.44
N VAL A 102 1.09 19.56 16.16
CA VAL A 102 0.19 18.47 15.81
C VAL A 102 0.74 17.14 16.34
N LYS A 103 -0.04 16.47 17.18
CA LYS A 103 0.35 15.17 17.76
C LYS A 103 -0.40 14.02 17.13
N LYS A 104 -1.63 14.27 16.67
CA LYS A 104 -2.49 13.20 16.17
C LYS A 104 -3.12 13.59 14.85
N ILE A 105 -3.09 12.69 13.85
CA ILE A 105 -3.72 12.91 12.55
C ILE A 105 -4.70 11.75 12.34
N GLY A 106 -5.98 12.09 12.10
CA GLY A 106 -7.06 11.11 11.98
C GLY A 106 -7.06 10.33 10.68
N ARG A 107 -7.96 9.32 10.59
CA ARG A 107 -8.06 8.47 9.39
C ARG A 107 -8.38 9.31 8.19
N GLN A 108 -7.78 9.01 7.02
CA GLN A 108 -8.11 9.65 5.74
C GLN A 108 -8.03 11.19 5.81
N ALA A 109 -7.21 11.76 6.75
CA ALA A 109 -7.19 13.23 6.93
C ALA A 109 -6.81 13.97 5.65
N PHE A 110 -5.89 13.41 4.85
CA PHE A 110 -5.48 14.06 3.60
C PHE A 110 -5.66 13.11 2.43
N MSE A 111 -6.57 12.14 2.57
CA MSE A 111 -6.78 11.20 1.46
C MSE A 111 -7.29 11.94 0.21
O MSE A 111 -8.11 12.84 0.33
CB MSE A 111 -7.78 10.12 1.86
CG MSE A 111 -8.13 9.17 0.73
SE MSE A 111 -8.88 7.58 1.58
CE MSE A 111 -9.49 6.61 -0.03
N PHE A 112 -6.73 11.58 -0.97
CA PHE A 112 -7.02 12.19 -2.28
C PHE A 112 -6.51 13.63 -2.41
N CYS A 113 -5.61 14.10 -1.52
CA CYS A 113 -4.97 15.44 -1.72
C CYS A 113 -3.80 15.21 -2.66
N SER A 114 -4.14 14.97 -3.93
CA SER A 114 -3.19 14.53 -4.94
CA SER A 114 -3.21 14.55 -4.98
C SER A 114 -2.21 15.63 -5.42
N GLU A 115 -2.34 16.88 -4.95
CA GLU A 115 -1.39 17.94 -5.33
C GLU A 115 -0.60 18.44 -4.12
N LEU A 116 -0.83 17.81 -2.95
CA LEU A 116 -0.21 18.21 -1.70
C LEU A 116 1.29 17.86 -1.69
N THR A 117 2.14 18.86 -1.53
CA THR A 117 3.61 18.65 -1.55
C THR A 117 4.29 19.03 -0.23
N ASP A 118 3.74 20.02 0.49
N ASP A 118 3.77 20.04 0.49
CA ASP A 118 4.34 20.54 1.72
CA ASP A 118 4.41 20.52 1.72
C ASP A 118 3.50 20.20 2.92
C ASP A 118 3.52 20.22 2.92
N ILE A 119 4.01 19.31 3.79
CA ILE A 119 3.29 18.89 5.00
C ILE A 119 4.17 18.98 6.29
N PRO A 120 4.55 20.19 6.77
CA PRO A 120 5.31 20.27 8.04
C PRO A 120 4.57 19.78 9.30
N ILE A 121 3.26 19.57 9.22
CA ILE A 121 2.45 19.10 10.33
C ILE A 121 2.90 17.69 10.84
N LEU A 122 3.76 17.00 10.08
CA LEU A 122 4.26 15.66 10.44
C LEU A 122 5.45 15.67 11.42
N ASP A 123 6.11 16.81 11.57
CA ASP A 123 7.33 16.96 12.34
C ASP A 123 7.29 16.50 13.82
N SER A 124 6.15 16.64 14.54
CA SER A 124 6.11 16.21 15.95
C SER A 124 4.91 15.28 16.28
N VAL A 125 4.40 14.60 15.26
N VAL A 125 4.39 14.60 15.25
CA VAL A 125 3.26 13.70 15.36
CA VAL A 125 3.25 13.68 15.40
C VAL A 125 3.66 12.42 16.12
C VAL A 125 3.66 12.43 16.16
N THR A 126 2.72 11.86 16.90
CA THR A 126 2.95 10.60 17.62
C THR A 126 1.96 9.56 17.13
N GLU A 127 0.85 9.99 16.48
CA GLU A 127 -0.17 9.06 16.00
C GLU A 127 -0.70 9.50 14.67
N ILE A 128 -0.71 8.60 13.69
CA ILE A 128 -1.26 8.86 12.36
C ILE A 128 -2.15 7.65 12.04
N ASP A 129 -3.44 7.89 11.78
CA ASP A 129 -4.36 6.78 11.57
C ASP A 129 -4.46 6.38 10.09
N SER A 130 -5.21 5.30 9.84
CA SER A 130 -5.35 4.66 8.52
C SER A 130 -5.58 5.62 7.37
N GLU A 131 -4.86 5.37 6.26
CA GLU A 131 -5.01 6.05 4.96
C GLU A 131 -4.93 7.58 5.06
N ALA A 132 -4.19 8.12 6.02
CA ALA A 132 -4.11 9.57 6.19
C ALA A 132 -3.53 10.26 4.98
N PHE A 133 -2.65 9.58 4.18
CA PHE A 133 -2.07 10.23 3.01
C PHE A 133 -2.31 9.40 1.76
N HIS A 134 -3.37 8.59 1.77
CA HIS A 134 -3.73 7.72 0.64
CA HIS A 134 -3.75 7.73 0.65
C HIS A 134 -3.98 8.60 -0.61
N HIS A 135 -3.32 8.28 -1.75
CA HIS A 135 -3.44 9.01 -3.02
C HIS A 135 -2.92 10.48 -2.93
N CYS A 136 -1.93 10.75 -2.05
CA CYS A 136 -1.23 12.01 -2.04
C CYS A 136 -0.10 11.84 -3.05
N GLU A 137 -0.50 11.91 -4.32
CA GLU A 137 0.29 11.58 -5.51
C GLU A 137 1.49 12.48 -5.79
N GLU A 138 1.62 13.59 -5.10
CA GLU A 138 2.77 14.47 -5.33
C GLU A 138 3.72 14.57 -4.11
N LEU A 139 3.44 13.89 -2.98
CA LEU A 139 4.40 13.86 -1.86
C LEU A 139 5.69 13.19 -2.37
N ASP A 140 6.87 13.80 -2.16
CA ASP A 140 8.11 13.22 -2.71
CA ASP A 140 8.16 13.32 -2.69
C ASP A 140 8.95 12.48 -1.66
N THR A 141 9.08 13.02 -0.46
CA THR A 141 9.84 12.39 0.62
CA THR A 141 9.82 12.37 0.61
C THR A 141 9.08 12.61 1.91
N VAL A 142 9.11 11.60 2.78
CA VAL A 142 8.42 11.68 4.07
C VAL A 142 9.35 11.16 5.15
N THR A 143 9.41 11.89 6.27
CA THR A 143 10.12 11.45 7.45
C THR A 143 9.10 11.27 8.57
N ILE A 144 9.00 10.05 9.08
N ILE A 144 9.00 10.05 9.08
CA ILE A 144 8.10 9.73 10.19
CA ILE A 144 8.10 9.75 10.19
C ILE A 144 8.93 9.92 11.48
C ILE A 144 8.92 9.93 11.47
N PRO A 145 8.51 10.81 12.40
CA PRO A 145 9.33 11.07 13.60
C PRO A 145 9.31 9.98 14.66
N GLU A 146 10.37 9.97 15.49
CA GLU A 146 10.47 9.04 16.61
CA GLU A 146 10.47 9.05 16.63
C GLU A 146 9.26 9.28 17.54
N GLY A 147 8.62 8.21 17.97
CA GLY A 147 7.43 8.34 18.80
C GLY A 147 6.21 7.73 18.11
N VAL A 148 6.24 7.67 16.76
CA VAL A 148 5.20 6.98 15.99
C VAL A 148 5.48 5.46 16.12
N THR A 149 4.50 4.67 16.57
CA THR A 149 4.76 3.23 16.83
C THR A 149 4.25 2.31 15.74
N SER A 150 3.53 2.81 14.75
CA SER A 150 3.14 1.98 13.61
C SER A 150 2.80 2.83 12.40
N VAL A 151 2.90 2.22 11.22
CA VAL A 151 2.48 2.89 10.00
C VAL A 151 1.13 2.28 9.72
N ALA A 152 0.04 3.04 9.94
CA ALA A 152 -1.33 2.51 9.83
C ALA A 152 -1.65 2.07 8.39
N ASP A 153 -2.65 1.20 8.25
CA ASP A 153 -3.00 0.60 6.96
C ASP A 153 -3.30 1.65 5.88
N GLY A 154 -2.75 1.40 4.70
CA GLY A 154 -2.94 2.24 3.52
C GLY A 154 -2.48 3.67 3.66
N MSE A 155 -1.61 3.94 4.64
CA MSE A 155 -1.18 5.32 4.92
CA MSE A 155 -1.07 5.26 4.95
C MSE A 155 -0.66 6.05 3.69
O MSE A 155 -1.06 7.20 3.49
CB MSE A 155 -0.14 5.41 6.05
CB MSE A 155 0.14 5.09 5.88
CG MSE A 155 0.35 6.87 6.29
CG MSE A 155 0.79 6.39 6.28
SE MSE A 155 1.39 6.99 7.90
SE MSE A 155 -0.44 7.52 7.16
CE MSE A 155 0.07 6.23 8.98
CE MSE A 155 -0.83 6.36 8.63
N PHE A 156 0.19 5.42 2.86
CA PHE A 156 0.70 6.08 1.67
C PHE A 156 0.35 5.32 0.42
N SER A 157 -0.76 4.58 0.42
CA SER A 157 -1.13 3.88 -0.81
C SER A 157 -1.27 4.85 -1.98
N TYR A 158 -0.65 4.50 -3.14
CA TYR A 158 -0.73 5.27 -4.39
C TYR A 158 -0.18 6.70 -4.27
N CYS A 159 0.82 6.87 -3.41
CA CYS A 159 1.58 8.12 -3.38
C CYS A 159 2.64 7.93 -4.46
N TYR A 160 2.22 8.20 -5.72
CA TYR A 160 3.02 7.90 -6.93
C TYR A 160 4.38 8.59 -7.03
N SER A 161 4.58 9.71 -6.33
CA SER A 161 5.85 10.44 -6.37
C SER A 161 6.75 10.14 -5.18
N LEU A 162 6.25 9.42 -4.19
CA LEU A 162 6.95 9.19 -2.92
C LEU A 162 8.08 8.18 -3.13
N HIS A 163 9.32 8.68 -3.16
CA HIS A 163 10.47 7.82 -3.48
C HIS A 163 11.36 7.49 -2.27
N THR A 164 11.21 8.24 -1.16
CA THR A 164 12.00 7.99 0.05
C THR A 164 11.13 8.18 1.27
N VAL A 165 11.17 7.19 2.19
CA VAL A 165 10.46 7.26 3.47
C VAL A 165 11.45 6.87 4.54
N THR A 166 11.58 7.69 5.57
CA THR A 166 12.43 7.38 6.70
C THR A 166 11.52 6.97 7.87
N LEU A 167 11.66 5.70 8.31
CA LEU A 167 10.89 5.21 9.44
C LEU A 167 11.73 5.27 10.71
N PRO A 168 11.13 5.65 11.85
CA PRO A 168 11.90 5.73 13.10
C PRO A 168 12.06 4.38 13.78
N ASP A 169 12.98 4.32 14.76
CA ASP A 169 13.24 3.12 15.55
C ASP A 169 11.99 2.68 16.34
N SER A 170 11.06 3.62 16.65
CA SER A 170 9.88 3.31 17.44
C SER A 170 8.81 2.50 16.67
N VAL A 171 8.90 2.40 15.33
CA VAL A 171 7.87 1.70 14.56
C VAL A 171 7.96 0.17 14.80
N THR A 172 6.85 -0.44 15.22
CA THR A 172 6.80 -1.88 15.47
C THR A 172 5.96 -2.60 14.42
N ALA A 173 5.19 -1.85 13.62
CA ALA A 173 4.33 -2.46 12.60
C ALA A 173 4.17 -1.59 11.40
N ILE A 174 4.19 -2.22 10.22
CA ILE A 174 3.91 -1.56 8.94
C ILE A 174 2.66 -2.27 8.46
N GLU A 175 1.51 -1.61 8.53
CA GLU A 175 0.25 -2.32 8.29
C GLU A 175 -0.05 -2.54 6.81
N GLU A 176 -1.09 -3.32 6.54
CA GLU A 176 -1.49 -3.67 5.19
C GLU A 176 -1.53 -2.48 4.25
N ARG A 177 -0.96 -2.67 3.03
CA ARG A 177 -0.99 -1.68 1.93
CA ARG A 177 -0.96 -1.68 1.93
C ARG A 177 -0.38 -0.31 2.32
N ALA A 178 0.43 -0.23 3.38
CA ALA A 178 1.00 1.08 3.79
C ALA A 178 1.75 1.82 2.67
N PHE A 179 2.52 1.09 1.81
CA PHE A 179 3.28 1.75 0.73
C PHE A 179 2.92 1.20 -0.63
N THR A 180 1.71 0.61 -0.77
CA THR A 180 1.31 0.09 -2.09
C THR A 180 1.40 1.18 -3.17
N GLY A 181 2.02 0.84 -4.30
CA GLY A 181 2.05 1.73 -5.45
C GLY A 181 2.90 2.98 -5.35
N THR A 182 3.80 3.05 -4.35
CA THR A 182 4.68 4.21 -4.18
C THR A 182 5.90 4.11 -5.10
N ALA A 183 6.66 5.20 -5.19
CA ALA A 183 7.85 5.26 -6.04
C ALA A 183 9.13 4.96 -5.25
N LEU A 184 9.03 4.24 -4.09
CA LEU A 184 10.20 3.96 -3.24
C LEU A 184 11.33 3.30 -4.04
N THR A 185 12.54 3.87 -3.97
CA THR A 185 13.70 3.29 -4.68
C THR A 185 14.46 2.38 -3.70
N GLN A 186 14.24 2.59 -2.40
CA GLN A 186 14.82 1.81 -1.33
C GLN A 186 13.87 1.78 -0.14
N ILE A 187 14.02 0.70 0.67
N ILE A 187 14.05 0.78 0.73
CA ILE A 187 13.29 0.44 1.91
CA ILE A 187 13.29 0.72 1.97
C ILE A 187 14.27 0.08 3.03
C ILE A 187 14.17 0.10 3.04
N HIS A 188 14.11 0.68 4.23
CA HIS A 188 14.85 0.23 5.41
C HIS A 188 13.83 -0.12 6.46
N ILE A 189 13.84 -1.38 6.93
CA ILE A 189 12.95 -1.85 7.97
C ILE A 189 13.65 -1.65 9.33
N PRO A 190 13.13 -0.80 10.24
CA PRO A 190 13.81 -0.61 11.54
CA PRO A 190 13.80 -0.61 11.54
C PRO A 190 13.74 -1.87 12.41
N ALA A 191 14.66 -1.96 13.39
CA ALA A 191 14.84 -3.14 14.28
C ALA A 191 13.61 -3.64 15.01
N LYS A 192 12.71 -2.74 15.43
CA LYS A 192 11.56 -3.14 16.24
C LYS A 192 10.34 -3.60 15.42
N VAL A 193 10.44 -3.64 14.10
CA VAL A 193 9.29 -4.09 13.32
C VAL A 193 9.02 -5.60 13.55
N THR A 194 7.81 -5.93 14.04
CA THR A 194 7.44 -7.33 14.29
C THR A 194 6.22 -7.74 13.44
N ARG A 195 5.67 -6.78 12.68
CA ARG A 195 4.55 -7.07 11.78
C ARG A 195 4.63 -6.22 10.53
N ILE A 196 4.51 -6.87 9.38
CA ILE A 196 4.38 -6.18 8.09
C ILE A 196 3.13 -6.78 7.46
N GLY A 197 2.11 -5.97 7.28
CA GLY A 197 0.83 -6.44 6.77
C GLY A 197 0.88 -6.80 5.30
N THR A 198 -0.13 -7.55 4.85
CA THR A 198 -0.27 -7.99 3.46
CA THR A 198 -0.08 -7.98 3.45
C THR A 198 -0.18 -6.80 2.51
N ASN A 199 0.59 -6.91 1.41
CA ASN A 199 0.70 -5.91 0.35
C ASN A 199 1.25 -4.55 0.80
N ALA A 200 1.94 -4.49 1.95
CA ALA A 200 2.57 -3.24 2.42
C ALA A 200 3.48 -2.66 1.35
N PHE A 201 4.15 -3.54 0.55
CA PHE A 201 5.06 -3.08 -0.50
C PHE A 201 4.65 -3.61 -1.89
N SER A 202 3.35 -3.90 -2.09
CA SER A 202 2.89 -4.33 -3.41
C SER A 202 2.95 -3.13 -4.38
N GLU A 203 3.15 -3.41 -5.69
CA GLU A 203 3.22 -2.38 -6.74
C GLU A 203 4.30 -1.30 -6.47
N CYS A 204 5.44 -1.67 -5.85
CA CYS A 204 6.53 -0.71 -5.66
C CYS A 204 7.47 -0.88 -6.86
N PHE A 205 7.06 -0.28 -7.98
CA PHE A 205 7.71 -0.46 -9.29
C PHE A 205 9.16 0.01 -9.40
N ALA A 206 9.59 0.95 -8.57
CA ALA A 206 10.94 1.55 -8.64
C ALA A 206 11.92 0.98 -7.58
N LEU A 207 11.48 -0.01 -6.79
CA LEU A 207 12.30 -0.50 -5.70
C LEU A 207 13.54 -1.28 -6.16
N SER A 208 14.74 -0.89 -5.71
N SER A 208 14.73 -0.84 -5.69
CA SER A 208 15.94 -1.64 -6.12
CA SER A 208 16.01 -1.46 -6.01
C SER A 208 16.65 -2.25 -4.92
C SER A 208 16.72 -2.05 -4.80
N THR A 209 16.63 -1.58 -3.74
N THR A 209 16.60 -1.42 -3.60
CA THR A 209 17.35 -2.10 -2.57
CA THR A 209 17.37 -1.89 -2.45
C THR A 209 16.45 -2.16 -1.34
C THR A 209 16.52 -2.04 -1.21
N ILE A 210 16.70 -3.17 -0.51
CA ILE A 210 15.99 -3.45 0.73
C ILE A 210 17.00 -3.74 1.81
N THR A 211 16.91 -3.02 2.93
CA THR A 211 17.78 -3.28 4.09
C THR A 211 16.87 -3.45 5.29
N SER A 212 17.36 -4.16 6.31
CA SER A 212 16.52 -4.39 7.48
C SER A 212 17.37 -4.67 8.71
N ASP A 213 16.93 -4.16 9.88
CA ASP A 213 17.54 -4.44 11.17
C ASP A 213 16.60 -5.35 11.99
N SER A 214 15.46 -5.74 11.41
CA SER A 214 14.46 -6.55 12.10
C SER A 214 14.75 -8.03 11.99
N GLU A 215 14.75 -8.74 13.14
CA GLU A 215 14.96 -10.20 13.13
CA GLU A 215 14.92 -10.20 13.21
C GLU A 215 13.70 -10.90 12.58
N SER A 216 12.50 -10.27 12.73
CA SER A 216 11.26 -10.86 12.21
C SER A 216 11.12 -10.66 10.71
N TYR A 217 11.74 -9.59 10.18
CA TYR A 217 11.62 -9.29 8.75
C TYR A 217 13.00 -9.03 8.18
N PRO A 218 13.83 -10.09 8.07
CA PRO A 218 15.21 -9.87 7.59
C PRO A 218 15.28 -9.61 6.09
N ALA A 219 16.33 -8.89 5.69
CA ALA A 219 16.61 -8.69 4.28
C ALA A 219 17.77 -9.64 3.99
N ILE A 220 17.49 -10.70 3.21
CA ILE A 220 18.48 -11.76 2.94
C ILE A 220 18.79 -11.73 1.45
N ASP A 221 20.04 -11.41 1.10
CA ASP A 221 20.44 -11.30 -0.30
C ASP A 221 19.49 -10.30 -1.04
N ASN A 222 19.26 -9.14 -0.40
CA ASN A 222 18.45 -8.02 -0.94
C ASN A 222 17.00 -8.44 -1.31
N VAL A 223 16.39 -9.28 -0.48
CA VAL A 223 15.01 -9.71 -0.66
C VAL A 223 14.39 -9.64 0.72
N LEU A 224 13.14 -9.14 0.85
CA LEU A 224 12.53 -9.05 2.17
C LEU A 224 11.72 -10.30 2.47
N TYR A 225 11.93 -10.83 3.68
CA TYR A 225 11.24 -12.02 4.18
C TYR A 225 10.55 -11.73 5.49
N GLU A 226 9.61 -12.60 5.85
CA GLU A 226 8.98 -12.67 7.16
C GLU A 226 9.47 -13.98 7.77
N LYS A 227 10.08 -13.93 8.94
CA LYS A 227 10.55 -15.13 9.57
C LYS A 227 9.62 -15.48 10.71
N SER A 228 9.08 -16.69 10.68
CA SER A 228 8.20 -17.19 11.73
C SER A 228 9.01 -17.78 12.89
N ALA A 229 8.37 -17.85 14.07
CA ALA A 229 8.97 -18.42 15.29
C ALA A 229 9.49 -19.87 15.06
N ASN A 230 8.79 -20.68 14.20
CA ASN A 230 9.20 -22.05 13.88
C ASN A 230 10.40 -22.12 12.86
N GLY A 231 10.90 -20.97 12.44
CA GLY A 231 12.03 -20.87 11.50
C GLY A 231 11.65 -20.83 10.04
N ASP A 232 10.36 -20.99 9.69
CA ASP A 232 9.92 -20.86 8.30
C ASP A 232 10.02 -19.43 7.84
N TYR A 233 10.17 -19.22 6.52
CA TYR A 233 10.17 -17.89 5.97
C TYR A 233 9.11 -17.75 4.89
N ALA A 234 8.57 -16.56 4.75
CA ALA A 234 7.69 -16.21 3.62
C ALA A 234 8.44 -15.13 2.86
N LEU A 235 8.53 -15.25 1.53
CA LEU A 235 9.16 -14.20 0.72
C LEU A 235 8.11 -13.12 0.50
N ILE A 236 8.36 -11.89 0.98
CA ILE A 236 7.31 -10.88 0.88
C ILE A 236 7.61 -9.77 -0.15
N ARG A 237 8.90 -9.45 -0.43
CA ARG A 237 9.19 -8.41 -1.42
C ARG A 237 10.54 -8.63 -2.11
N TYR A 238 10.48 -8.93 -3.40
CA TYR A 238 11.64 -9.00 -4.29
C TYR A 238 11.70 -7.62 -4.97
N PRO A 239 12.86 -6.92 -5.00
CA PRO A 239 12.86 -5.54 -5.56
C PRO A 239 12.63 -5.55 -7.08
N SER A 240 11.57 -4.85 -7.53
CA SER A 240 11.17 -4.87 -8.95
C SER A 240 12.26 -4.39 -9.91
N GLN A 241 13.15 -3.49 -9.45
CA GLN A 241 14.22 -2.97 -10.30
C GLN A 241 15.53 -3.76 -10.17
N ARG A 242 15.53 -4.87 -9.42
CA ARG A 242 16.73 -5.73 -9.32
C ARG A 242 17.08 -6.28 -10.71
N GLU A 243 18.31 -6.07 -11.17
CA GLU A 243 18.67 -6.40 -12.55
C GLU A 243 19.08 -7.85 -12.84
N ASP A 244 19.22 -8.71 -11.84
CA ASP A 244 19.64 -10.11 -12.08
C ASP A 244 18.64 -10.85 -12.97
N PRO A 245 19.11 -11.49 -14.06
CA PRO A 245 18.19 -12.23 -14.92
C PRO A 245 17.59 -13.45 -14.23
N ALA A 246 18.27 -14.03 -13.23
CA ALA A 246 17.78 -15.23 -12.56
C ALA A 246 17.74 -15.07 -11.04
N PHE A 247 16.81 -15.77 -10.41
CA PHE A 247 16.75 -15.81 -8.94
C PHE A 247 16.31 -17.19 -8.52
N LYS A 248 16.97 -17.74 -7.50
CA LYS A 248 16.59 -19.01 -6.91
C LYS A 248 16.09 -18.71 -5.51
N ILE A 249 14.82 -19.01 -5.26
CA ILE A 249 14.24 -18.79 -3.93
C ILE A 249 14.93 -19.78 -2.95
N PRO A 250 15.46 -19.32 -1.80
CA PRO A 250 16.19 -20.24 -0.92
C PRO A 250 15.34 -21.34 -0.33
N ASN A 251 15.98 -22.50 -0.17
CA ASN A 251 15.41 -23.61 0.59
C ASN A 251 15.13 -23.07 2.02
N GLY A 252 13.97 -23.40 2.57
CA GLY A 252 13.58 -22.88 3.88
C GLY A 252 12.47 -21.84 3.78
N VAL A 253 12.15 -21.42 2.53
CA VAL A 253 11.04 -20.50 2.25
C VAL A 253 9.80 -21.37 2.08
N ALA A 254 8.74 -21.12 2.87
CA ALA A 254 7.52 -21.93 2.84
C ALA A 254 6.42 -21.32 1.99
N ARG A 255 6.54 -20.01 1.71
CA ARG A 255 5.48 -19.30 1.00
C ARG A 255 6.04 -18.12 0.21
N ILE A 256 5.47 -17.89 -0.97
CA ILE A 256 5.72 -16.69 -1.76
C ILE A 256 4.47 -15.86 -1.50
N GLU A 257 4.60 -14.75 -0.75
CA GLU A 257 3.45 -13.96 -0.36
C GLU A 257 2.86 -13.18 -1.58
N THR A 258 1.62 -12.72 -1.43
N THR A 258 1.65 -12.63 -1.40
CA THR A 258 0.89 -12.01 -2.49
CA THR A 258 0.92 -11.88 -2.41
C THR A 258 1.73 -10.84 -3.02
C THR A 258 1.77 -10.79 -3.02
N HIS A 259 1.79 -10.71 -4.37
CA HIS A 259 2.52 -9.65 -5.10
C HIS A 259 4.02 -9.56 -4.71
N ALA A 260 4.63 -10.65 -4.20
CA ALA A 260 6.04 -10.57 -3.75
C ALA A 260 7.00 -10.23 -4.91
N PHE A 261 6.65 -10.68 -6.14
CA PHE A 261 7.48 -10.44 -7.33
C PHE A 261 6.71 -9.63 -8.37
N ASP A 262 5.71 -8.84 -7.96
CA ASP A 262 4.98 -8.11 -8.98
C ASP A 262 5.87 -7.06 -9.66
N SER A 263 5.64 -6.86 -10.97
CA SER A 263 6.27 -5.84 -11.82
C SER A 263 7.81 -5.89 -11.84
N CYS A 264 8.41 -7.10 -11.82
CA CYS A 264 9.88 -7.19 -11.96
C CYS A 264 10.25 -6.87 -13.41
N ALA A 265 11.00 -5.79 -13.60
CA ALA A 265 11.37 -5.33 -14.94
C ALA A 265 12.44 -6.23 -15.63
N TYR A 266 13.29 -6.93 -14.86
CA TYR A 266 14.43 -7.65 -15.41
C TYR A 266 14.43 -9.16 -15.18
N LEU A 267 13.74 -9.63 -14.14
CA LEU A 267 13.73 -11.06 -13.78
C LEU A 267 13.25 -11.92 -14.94
N ALA A 268 14.12 -12.83 -15.43
CA ALA A 268 13.81 -13.69 -16.60
C ALA A 268 13.59 -15.16 -16.20
N SER A 269 14.16 -15.58 -15.07
CA SER A 269 14.07 -16.97 -14.65
C SER A 269 13.91 -17.05 -13.15
N VAL A 270 12.95 -17.86 -12.67
CA VAL A 270 12.79 -18.02 -11.22
C VAL A 270 12.76 -19.53 -10.91
N LYS A 271 13.37 -19.92 -9.76
CA LYS A 271 13.37 -21.31 -9.32
CA LYS A 271 13.39 -21.31 -9.32
C LYS A 271 12.85 -21.36 -7.89
N MSE A 272 11.89 -22.25 -7.64
CA MSE A 272 11.27 -22.43 -6.31
C MSE A 272 11.79 -23.69 -5.66
O MSE A 272 11.77 -24.72 -6.33
CB MSE A 272 9.73 -22.58 -6.41
CG MSE A 272 9.02 -21.45 -6.97
SE MSE A 272 7.16 -21.91 -6.85
CE MSE A 272 6.71 -20.81 -8.39
N PRO A 273 12.13 -23.67 -4.35
CA PRO A 273 12.47 -24.92 -3.67
C PRO A 273 11.20 -25.69 -3.35
N ASP A 274 11.32 -27.00 -3.04
CA ASP A 274 10.16 -27.81 -2.70
C ASP A 274 9.60 -27.45 -1.29
N SER A 275 10.33 -26.62 -0.51
CA SER A 275 9.83 -26.15 0.78
C SER A 275 8.66 -25.16 0.57
N VAL A 276 8.52 -24.57 -0.64
CA VAL A 276 7.41 -23.64 -0.93
C VAL A 276 6.12 -24.46 -1.05
N VAL A 277 5.15 -24.18 -0.19
CA VAL A 277 3.88 -24.92 -0.19
C VAL A 277 2.72 -24.06 -0.71
N SER A 278 2.90 -22.74 -0.78
CA SER A 278 1.83 -21.87 -1.29
C SER A 278 2.38 -20.59 -1.90
N ILE A 279 1.61 -20.04 -2.84
CA ILE A 279 1.91 -18.79 -3.57
C ILE A 279 0.71 -17.88 -3.41
N GLY A 280 0.96 -16.61 -3.11
CA GLY A 280 -0.11 -15.63 -2.95
C GLY A 280 -0.60 -15.06 -4.26
N THR A 281 -1.78 -14.45 -4.22
CA THR A 281 -2.40 -13.77 -5.37
C THR A 281 -1.40 -12.81 -6.04
N GLY A 282 -1.34 -12.88 -7.38
CA GLY A 282 -0.53 -11.98 -8.20
C GLY A 282 0.94 -11.97 -7.86
N ALA A 283 1.47 -13.09 -7.37
CA ALA A 283 2.87 -13.15 -6.95
C ALA A 283 3.84 -12.71 -8.04
N PHE A 284 3.60 -13.06 -9.32
CA PHE A 284 4.50 -12.70 -10.42
C PHE A 284 3.78 -11.86 -11.48
N MSE A 285 2.76 -11.13 -11.08
CA MSE A 285 2.01 -10.39 -12.07
C MSE A 285 2.80 -9.21 -12.67
O MSE A 285 3.62 -8.58 -12.00
CB MSE A 285 0.64 -9.98 -11.57
CG MSE A 285 0.59 -8.84 -10.61
SE MSE A 285 -1.32 -8.43 -10.30
CE MSE A 285 -1.96 -8.02 -12.08
N ASN A 286 2.62 -8.99 -13.98
CA ASN A 286 3.26 -7.93 -14.76
C ASN A 286 4.81 -8.03 -14.72
N CYS A 287 5.36 -9.27 -14.85
CA CYS A 287 6.81 -9.48 -14.97
C CYS A 287 7.07 -9.65 -16.46
N PRO A 288 7.41 -8.58 -17.20
CA PRO A 288 7.45 -8.67 -18.67
C PRO A 288 8.67 -9.39 -19.27
N ALA A 289 9.70 -9.70 -18.46
CA ALA A 289 10.87 -10.41 -18.97
C ALA A 289 10.87 -11.89 -18.51
N LEU A 290 9.88 -12.28 -17.70
CA LEU A 290 9.82 -13.63 -17.12
C LEU A 290 9.55 -14.68 -18.20
N GLN A 291 10.52 -15.61 -18.36
CA GLN A 291 10.40 -16.65 -19.38
CA GLN A 291 10.46 -16.66 -19.39
C GLN A 291 10.45 -18.06 -18.82
N ASP A 292 11.19 -18.27 -17.71
CA ASP A 292 11.33 -19.63 -17.16
C ASP A 292 10.95 -19.68 -15.70
N ILE A 293 10.10 -20.63 -15.36
CA ILE A 293 9.65 -20.85 -13.99
C ILE A 293 9.81 -22.34 -13.65
N GLU A 294 10.53 -22.63 -12.56
CA GLU A 294 10.69 -23.99 -12.03
C GLU A 294 9.87 -24.00 -10.73
N PHE A 295 8.79 -24.77 -10.72
CA PHE A 295 7.88 -24.82 -9.60
C PHE A 295 8.30 -25.78 -8.53
N SER A 296 7.83 -25.51 -7.30
CA SER A 296 7.94 -26.42 -6.18
C SER A 296 7.02 -27.63 -6.44
N SER A 297 7.44 -28.83 -5.99
CA SER A 297 6.60 -30.04 -6.14
C SER A 297 5.47 -30.07 -5.08
N ARG A 298 5.44 -29.10 -4.13
CA ARG A 298 4.47 -29.13 -3.03
C ARG A 298 3.36 -28.07 -3.13
N ILE A 299 3.36 -27.26 -4.19
CA ILE A 299 2.25 -26.32 -4.36
C ILE A 299 1.07 -27.08 -4.98
N THR A 300 -0.17 -26.70 -4.65
CA THR A 300 -1.36 -27.39 -5.16
C THR A 300 -2.34 -26.43 -5.84
N GLU A 301 -1.96 -25.13 -5.95
CA GLU A 301 -2.83 -24.14 -6.58
C GLU A 301 -2.02 -23.06 -7.27
N LEU A 302 -2.52 -22.57 -8.41
CA LEU A 302 -1.99 -21.37 -9.08
C LEU A 302 -2.98 -20.27 -8.71
N PRO A 303 -2.59 -19.31 -7.84
CA PRO A 303 -3.58 -18.35 -7.31
C PRO A 303 -4.02 -17.34 -8.35
N GLU A 304 -5.00 -16.53 -7.99
CA GLU A 304 -5.53 -15.50 -8.87
C GLU A 304 -4.41 -14.59 -9.38
N SER A 305 -4.43 -14.29 -10.71
CA SER A 305 -3.51 -13.38 -11.40
C SER A 305 -2.03 -13.71 -11.18
N VAL A 306 -1.68 -14.97 -10.85
CA VAL A 306 -0.29 -15.33 -10.47
C VAL A 306 0.75 -14.90 -11.56
N PHE A 307 0.45 -15.13 -12.84
CA PHE A 307 1.32 -14.74 -13.96
C PHE A 307 0.61 -13.80 -14.93
N ALA A 308 -0.41 -13.08 -14.46
CA ALA A 308 -1.11 -12.13 -15.30
C ALA A 308 -0.11 -11.07 -15.85
N GLY A 309 -0.18 -10.79 -17.14
CA GLY A 309 0.68 -9.79 -17.79
C GLY A 309 2.14 -10.22 -17.99
N CYS A 310 2.41 -11.53 -17.90
CA CYS A 310 3.76 -12.02 -18.13
C CYS A 310 3.90 -12.26 -19.65
N ILE A 311 4.16 -11.16 -20.35
CA ILE A 311 4.16 -11.04 -21.80
C ILE A 311 5.37 -11.72 -22.51
N SER A 312 6.38 -12.24 -21.78
CA SER A 312 7.52 -12.95 -22.39
C SER A 312 7.42 -14.47 -22.19
N LEU A 313 6.42 -14.90 -21.42
CA LEU A 313 6.21 -16.31 -21.14
C LEU A 313 5.79 -17.03 -22.41
N LYS A 314 6.58 -17.99 -22.90
CA LYS A 314 6.26 -18.72 -24.13
C LYS A 314 5.76 -20.15 -23.89
N SER A 315 6.33 -20.81 -22.88
CA SER A 315 6.04 -22.20 -22.54
C SER A 315 6.05 -22.35 -21.03
N ILE A 316 5.12 -23.14 -20.49
CA ILE A 316 5.06 -23.37 -19.05
C ILE A 316 4.53 -24.78 -18.78
N ASP A 317 5.14 -25.48 -17.82
CA ASP A 317 4.76 -26.83 -17.42
C ASP A 317 4.18 -26.76 -16.02
N ILE A 318 2.87 -26.95 -15.90
CA ILE A 318 2.17 -26.88 -14.61
C ILE A 318 2.47 -28.21 -13.88
N PRO A 319 3.01 -28.19 -12.64
CA PRO A 319 3.38 -29.45 -11.98
C PRO A 319 2.19 -30.32 -11.59
N GLU A 320 2.42 -31.64 -11.61
CA GLU A 320 1.48 -32.65 -11.12
C GLU A 320 1.11 -32.30 -9.68
N GLY A 321 -0.16 -32.36 -9.31
CA GLY A 321 -0.54 -31.98 -7.95
C GLY A 321 -1.25 -30.63 -7.87
N ILE A 322 -1.14 -29.78 -8.90
CA ILE A 322 -1.93 -28.54 -8.95
C ILE A 322 -3.40 -28.97 -9.16
N THR A 323 -4.33 -28.52 -8.33
CA THR A 323 -5.73 -28.95 -8.47
C THR A 323 -6.59 -27.84 -9.08
N GLN A 324 -6.11 -26.60 -9.03
CA GLN A 324 -6.86 -25.49 -9.60
C GLN A 324 -5.93 -24.37 -10.01
N ILE A 325 -6.33 -23.69 -11.10
CA ILE A 325 -5.69 -22.54 -11.72
C ILE A 325 -6.75 -21.45 -11.60
N LEU A 326 -6.54 -20.47 -10.72
CA LEU A 326 -7.59 -19.49 -10.43
C LEU A 326 -7.74 -18.38 -11.48
N ASP A 327 -8.72 -17.49 -11.26
CA ASP A 327 -9.05 -16.40 -12.19
C ASP A 327 -7.84 -15.58 -12.63
N ASP A 328 -7.74 -15.29 -13.93
CA ASP A 328 -6.69 -14.46 -14.52
C ASP A 328 -5.25 -14.98 -14.27
N ALA A 329 -5.07 -16.27 -13.91
CA ALA A 329 -3.72 -16.81 -13.64
C ALA A 329 -2.71 -16.52 -14.77
N PHE A 330 -3.15 -16.55 -16.04
CA PHE A 330 -2.27 -16.25 -17.18
C PHE A 330 -2.88 -15.17 -18.07
N ALA A 331 -3.75 -14.31 -17.50
CA ALA A 331 -4.42 -13.27 -18.30
C ALA A 331 -3.43 -12.29 -18.90
N GLY A 332 -3.52 -12.10 -20.22
CA GLY A 332 -2.63 -11.18 -20.92
C GLY A 332 -1.25 -11.72 -21.26
N CYS A 333 -1.05 -13.05 -21.13
CA CYS A 333 0.22 -13.67 -21.51
C CYS A 333 0.15 -13.90 -23.04
N GLU A 334 0.29 -12.78 -23.77
N GLU A 334 0.28 -12.80 -23.78
CA GLU A 334 0.19 -12.64 -25.23
CA GLU A 334 0.12 -12.74 -25.24
C GLU A 334 1.17 -13.52 -26.04
C GLU A 334 1.15 -13.56 -26.04
N GLN A 335 2.27 -14.00 -25.43
CA GLN A 335 3.28 -14.81 -26.13
CA GLN A 335 3.29 -14.80 -26.12
C GLN A 335 3.24 -16.28 -25.72
N LEU A 336 2.35 -16.64 -24.77
CA LEU A 336 2.22 -18.02 -24.29
C LEU A 336 1.69 -18.92 -25.40
N GLU A 337 2.52 -19.87 -25.87
CA GLU A 337 2.18 -20.79 -26.99
C GLU A 337 1.84 -22.18 -26.51
N ARG A 338 2.56 -22.64 -25.47
CA ARG A 338 2.45 -23.99 -24.96
C ARG A 338 2.22 -24.02 -23.46
N ILE A 339 1.30 -24.87 -23.03
CA ILE A 339 1.06 -25.09 -21.60
C ILE A 339 0.78 -26.57 -21.36
N ALA A 340 1.51 -27.17 -20.43
CA ALA A 340 1.28 -28.57 -20.04
C ALA A 340 0.42 -28.55 -18.78
N ILE A 341 -0.78 -29.14 -18.84
CA ILE A 341 -1.73 -29.18 -17.73
C ILE A 341 -1.87 -30.63 -17.23
N PRO A 342 -1.56 -30.90 -15.93
CA PRO A 342 -1.71 -32.27 -15.40
C PRO A 342 -3.18 -32.60 -15.17
N SER A 343 -3.50 -33.91 -15.12
CA SER A 343 -4.89 -34.37 -14.93
C SER A 343 -5.39 -34.07 -13.51
N SER A 344 -4.50 -33.69 -12.55
CA SER A 344 -4.92 -33.29 -11.21
C SER A 344 -5.69 -31.94 -11.24
N VAL A 345 -5.56 -31.10 -12.32
CA VAL A 345 -6.25 -29.81 -12.41
C VAL A 345 -7.74 -30.05 -12.72
N THR A 346 -8.64 -29.69 -11.80
CA THR A 346 -10.08 -29.93 -12.03
C THR A 346 -10.90 -28.65 -12.09
N LYS A 347 -10.23 -27.50 -11.90
CA LYS A 347 -10.88 -26.18 -11.94
CA LYS A 347 -10.88 -26.19 -11.95
C LYS A 347 -9.99 -25.18 -12.68
N ILE A 348 -10.52 -24.60 -13.75
CA ILE A 348 -9.87 -23.59 -14.60
C ILE A 348 -10.95 -22.61 -15.07
N PRO A 349 -11.11 -21.43 -14.42
CA PRO A 349 -12.10 -20.46 -14.93
C PRO A 349 -11.69 -19.96 -16.32
N GLU A 350 -12.67 -19.54 -17.16
CA GLU A 350 -12.40 -19.03 -18.51
CA GLU A 350 -12.36 -19.06 -18.51
C GLU A 350 -11.38 -17.87 -18.48
N SER A 351 -11.38 -17.05 -17.42
CA SER A 351 -10.48 -15.89 -17.35
C SER A 351 -9.00 -16.28 -17.16
N ALA A 352 -8.71 -17.53 -16.72
CA ALA A 352 -7.33 -17.96 -16.46
C ALA A 352 -6.45 -17.84 -17.72
N PHE A 353 -7.02 -18.07 -18.91
CA PHE A 353 -6.25 -17.98 -20.15
C PHE A 353 -6.83 -16.92 -21.09
N SER A 354 -7.43 -15.84 -20.52
CA SER A 354 -8.00 -14.74 -21.30
C SER A 354 -6.87 -13.93 -21.92
N ASN A 355 -7.09 -13.41 -23.14
CA ASN A 355 -6.11 -12.61 -23.89
C ASN A 355 -4.75 -13.34 -24.03
N CYS A 356 -4.81 -14.64 -24.33
CA CYS A 356 -3.68 -15.52 -24.60
C CYS A 356 -3.78 -15.92 -26.07
N THR A 357 -3.57 -14.94 -26.95
CA THR A 357 -3.76 -15.08 -28.40
C THR A 357 -2.72 -15.97 -29.11
N ALA A 358 -1.54 -16.22 -28.49
CA ALA A 358 -0.54 -17.10 -29.13
C ALA A 358 -0.72 -18.57 -28.72
N LEU A 359 -1.64 -18.86 -27.77
CA LEU A 359 -1.88 -20.18 -27.20
C LEU A 359 -2.50 -21.14 -28.22
N ASN A 360 -1.66 -22.07 -28.74
CA ASN A 360 -2.06 -23.04 -29.76
C ASN A 360 -1.72 -24.49 -29.37
N ASN A 361 -1.04 -24.70 -28.24
CA ASN A 361 -0.63 -26.05 -27.83
C ASN A 361 -0.90 -26.29 -26.35
N ILE A 362 -2.03 -26.97 -26.05
CA ILE A 362 -2.37 -27.34 -24.69
C ILE A 362 -2.08 -28.84 -24.56
N GLU A 363 -1.03 -29.20 -23.80
CA GLU A 363 -0.63 -30.58 -23.54
C GLU A 363 -1.31 -31.06 -22.26
N TYR A 364 -2.42 -31.80 -22.39
CA TYR A 364 -3.17 -32.31 -21.25
C TYR A 364 -2.90 -33.80 -21.12
N SER A 365 -2.44 -34.23 -19.93
CA SER A 365 -2.06 -35.61 -19.66
C SER A 365 -3.26 -36.55 -19.42
N GLY A 366 -4.47 -36.01 -19.36
CA GLY A 366 -5.67 -36.80 -19.17
C GLY A 366 -6.48 -37.05 -20.43
N SER A 367 -7.64 -37.69 -20.29
CA SER A 367 -8.54 -38.02 -21.40
C SER A 367 -9.44 -36.83 -21.77
N ARG A 368 -10.13 -36.92 -22.93
CA ARG A 368 -11.07 -35.91 -23.43
C ARG A 368 -12.25 -35.76 -22.44
N SER A 369 -12.71 -36.90 -21.86
CA SER A 369 -13.80 -36.93 -20.86
CA SER A 369 -13.80 -36.92 -20.87
C SER A 369 -13.37 -36.16 -19.61
N GLN A 370 -12.14 -36.41 -19.12
CA GLN A 370 -11.56 -35.74 -17.96
C GLN A 370 -11.45 -34.23 -18.24
N TRP A 371 -11.01 -33.85 -19.47
CA TRP A 371 -10.89 -32.46 -19.90
C TRP A 371 -12.26 -31.73 -19.81
N ASN A 372 -13.33 -32.37 -20.33
CA ASN A 372 -14.69 -31.82 -20.32
C ASN A 372 -15.28 -31.69 -18.90
N ALA A 373 -14.78 -32.52 -17.94
CA ALA A 373 -15.20 -32.50 -16.54
C ALA A 373 -14.55 -31.35 -15.72
N ILE A 374 -13.57 -30.62 -16.32
CA ILE A 374 -12.91 -29.49 -15.64
C ILE A 374 -13.95 -28.38 -15.46
N SER A 375 -14.10 -27.91 -14.22
CA SER A 375 -15.02 -26.84 -13.85
C SER A 375 -14.47 -25.48 -14.26
N THR A 376 -15.34 -24.62 -14.82
CA THR A 376 -14.96 -23.27 -15.22
C THR A 376 -15.60 -22.23 -14.27
N ASP A 377 -16.03 -22.67 -13.06
CA ASP A 377 -16.67 -21.82 -12.06
C ASP A 377 -15.72 -21.28 -10.99
N SER A 378 -15.73 -19.94 -10.80
CA SER A 378 -14.96 -19.17 -9.78
C SER A 378 -15.36 -17.68 -9.85
N GLY A 379 -15.75 -17.14 -8.70
CA GLY A 379 -16.19 -15.76 -8.54
C GLY A 379 -15.16 -14.69 -8.81
N LEU A 380 -15.38 -13.90 -9.90
CA LEU A 380 -14.58 -12.78 -10.39
C LEU A 380 -13.09 -13.14 -10.56
C1 EDO B . -3.93 -15.95 -1.49
O1 EDO B . -2.97 -14.88 -1.45
C2 EDO B . -3.27 -17.29 -1.91
O2 EDO B . -2.77 -17.99 -0.78
C1 EDO C . -23.97 27.23 15.24
O1 EDO C . -23.80 28.49 15.88
C2 EDO C . -25.44 27.08 14.77
O2 EDO C . -25.61 25.81 14.17
C1 EDO D . 11.72 -14.34 13.96
O1 EDO D . 12.84 -14.28 14.83
C2 EDO D . 10.45 -13.84 14.69
O2 EDO D . 10.02 -14.75 15.68
C1 EDO E . -7.58 -29.75 -25.00
O1 EDO E . -6.74 -29.56 -26.10
C2 EDO E . -7.03 -30.90 -24.13
O2 EDO E . -7.38 -32.16 -24.69
C1 EDO F . 3.69 -8.38 2.95
O1 EDO F . 2.90 -8.66 1.76
C2 EDO F . 3.22 -9.33 4.12
O2 EDO F . 4.16 -9.46 5.18
C1 EDO G . -3.37 -5.21 -5.40
O1 EDO G . -3.95 -5.29 -4.11
C2 EDO G . -1.83 -5.08 -5.24
O2 EDO G . -1.52 -3.85 -4.64
C1 EDO H . 6.66 4.45 -9.34
O1 EDO H . 7.25 3.78 -10.41
C2 EDO H . 5.36 3.76 -8.90
O2 EDO H . 5.58 2.40 -8.48
C1 EDO I . 12.01 -27.74 -7.95
O1 EDO I . 11.96 -27.49 -6.56
C2 EDO I . 11.76 -29.26 -8.23
O2 EDO I . 10.44 -29.60 -7.86
C1 EDO J . 10.75 2.66 3.52
O1 EDO J . 11.98 2.75 4.22
C2 EDO J . 9.64 2.26 4.50
O2 EDO J . 10.01 1.05 5.15
C1 EDO K . -2.43 -18.86 -33.80
O1 EDO K . -1.10 -18.86 -33.31
C2 EDO K . -3.18 -20.12 -33.26
O2 EDO K . -3.38 -19.99 -31.87
C1 EDO L . -4.72 -9.77 -1.79
O1 EDO L . -3.46 -9.71 -2.45
C2 EDO L . -4.86 -11.01 -0.88
O2 EDO L . -4.12 -10.81 0.30
C1 EDO M . 6.45 24.18 10.65
O1 EDO M . 6.85 25.52 10.44
C2 EDO M . 7.54 23.32 11.34
O2 EDO M . 6.98 22.11 11.87
C1 EDO N . -17.00 22.74 3.84
O1 EDO N . -15.91 23.34 4.53
C2 EDO N . -16.55 21.40 3.21
O2 EDO N . -16.53 20.36 4.15
C1 EDO O . -12.80 38.63 26.05
O1 EDO O . -12.40 37.48 26.77
C2 EDO O . -14.04 38.30 25.19
O2 EDO O . -15.11 37.84 26.01
C1 EDO P . 16.49 -25.13 -8.38
O1 EDO P . 17.59 -26.01 -8.28
C2 EDO P . 15.42 -25.40 -7.29
O2 EDO P . 15.91 -25.04 -6.00
C1 EDO Q . -17.28 37.00 18.74
O1 EDO Q . -17.39 36.98 17.33
C2 EDO Q . -18.25 35.97 19.36
O2 EDO Q . -17.91 34.68 18.89
NA NA R . 3.28 -31.38 -7.00
#